data_5TRF
#
_entry.id   5TRF
#
_cell.length_a   138.849
_cell.length_b   138.849
_cell.length_c   83.707
_cell.angle_alpha   90.000
_cell.angle_beta   90.000
_cell.angle_gamma   90.000
#
_symmetry.space_group_name_H-M   'P 43 21 2'
#
loop_
_entity.id
_entity.type
_entity.pdbx_description
1 polymer 'E3 ubiquitin-protein ligase Mdm2'
2 non-polymer "(2'S,3R,4'S,5'R)-6-chloro-4'-(3-chloro-2-fluorophenyl)-2'-(2,2-dimethylpropyl)-N-(trans-4-hydroxycyclohexyl)-2-oxo-1,2-dihydrospiro[indole-3,3'-pyrrolidine]-5'-carboxamide"
3 non-polymer 'SULFATE ION'
4 non-polymer GLYCEROL
5 water water
#
_entity_poly.entity_id   1
_entity_poly.type   'polypeptide(L)'
_entity_poly.pdbx_seq_one_letter_code
;TDGAVTTSQIPASEQETLVRPKPLLLKLLKSVGAQKDTYTMKEVLFYLGQYIMTKRLYDEKQQHIVYCSNDLLGDLFGVP
SFSVKEHRKIYTMIYRNLVVVNQQESSDS
;
_entity_poly.pdbx_strand_id   A,B,C,D,E
#
loop_
_chem_comp.id
_chem_comp.type
_chem_comp.name
_chem_comp.formula
7HC non-polymer (2'S,3R,4'S,5'R)-6-chloro-4'-(3-chloro-2-fluorophenyl)-2'-(2,2-dimethylpropyl)-N-(trans-4-hydroxycyclohexyl)-2-oxo-1,2-dihydrospiro[indole-3,3'-pyrrolidine]-5'-carboxamide 'C29 H34 Cl2 F N3 O3'
GOL non-polymer GLYCEROL 'C3 H8 O3'
SO4 non-polymer 'SULFATE ION' 'O4 S -2'
#
# COMPACT_ATOMS: atom_id res chain seq x y z
N THR A 1 23.68 15.65 12.88
CA THR A 1 23.04 16.93 12.60
C THR A 1 21.53 16.79 12.79
N ASP A 2 20.98 17.52 13.78
CA ASP A 2 19.56 17.47 14.09
C ASP A 2 18.79 18.39 13.17
N GLY A 3 17.64 17.88 12.75
CA GLY A 3 16.76 18.58 11.85
C GLY A 3 15.49 17.82 11.54
N ALA A 4 14.69 18.40 10.66
CA ALA A 4 13.40 17.83 10.28
C ALA A 4 13.11 18.16 8.84
N VAL A 5 12.39 17.30 8.17
CA VAL A 5 12.03 17.57 6.80
C VAL A 5 10.56 17.24 6.63
N THR A 6 9.81 18.19 6.04
CA THR A 6 8.37 18.04 5.86
C THR A 6 8.01 18.08 4.40
N THR A 7 6.88 17.47 4.07
CA THR A 7 6.33 17.41 2.73
C THR A 7 4.85 17.87 2.70
N SER A 8 4.41 18.41 1.56
CA SER A 8 3.03 18.83 1.33
C SER A 8 2.13 17.61 1.06
N GLN A 9 2.72 16.42 0.81
CA GLN A 9 1.97 15.19 0.49
C GLN A 9 1.37 14.49 1.74
N ILE A 10 1.82 14.85 2.94
CA ILE A 10 1.38 14.21 4.19
C ILE A 10 0.77 15.30 5.08
N PRO A 11 -0.31 15.04 5.87
CA PRO A 11 -0.86 16.12 6.71
C PRO A 11 0.17 16.61 7.71
N ALA A 12 0.16 17.91 7.97
CA ALA A 12 1.12 18.56 8.88
C ALA A 12 1.15 17.88 10.25
N SER A 13 -0.04 17.64 10.85
CA SER A 13 -0.15 17.02 12.17
C SER A 13 0.39 15.59 12.19
N GLU A 14 0.24 14.84 11.08
CA GLU A 14 0.76 13.49 11.01
C GLU A 14 2.31 13.47 11.06
N GLN A 15 2.95 14.47 10.45
CA GLN A 15 4.42 14.58 10.43
C GLN A 15 4.96 14.95 11.81
N GLU A 16 4.07 15.45 12.71
CA GLU A 16 4.42 15.78 14.08
C GLU A 16 4.26 14.59 15.03
N THR A 17 3.74 13.45 14.54
CA THR A 17 3.51 12.27 15.37
C THR A 17 4.79 11.83 16.08
N LEU A 18 4.70 11.65 17.39
CA LEU A 18 5.81 11.18 18.23
C LEU A 18 5.91 9.66 18.11
N VAL A 19 7.09 9.17 17.77
CA VAL A 19 7.34 7.75 17.51
C VAL A 19 8.61 7.25 18.21
N ARG A 20 8.62 5.95 18.50
CA ARG A 20 9.73 5.21 19.08
C ARG A 20 10.22 4.18 18.06
N PRO A 21 11.28 4.48 17.28
CA PRO A 21 11.82 3.51 16.33
C PRO A 21 12.18 2.18 17.01
N LYS A 22 11.89 1.05 16.33
CA LYS A 22 12.22 -0.29 16.82
C LYS A 22 13.75 -0.48 16.73
N PRO A 23 14.38 -1.47 17.40
CA PRO A 23 15.85 -1.50 17.49
C PRO A 23 16.66 -1.38 16.20
N LEU A 24 16.25 -2.01 15.07
CA LEU A 24 17.06 -1.91 13.84
C LEU A 24 16.99 -0.54 13.23
N LEU A 25 15.80 0.07 13.22
CA LEU A 25 15.66 1.43 12.72
C LEU A 25 16.38 2.41 13.65
N LEU A 26 16.27 2.22 14.96
CA LEU A 26 16.96 3.10 15.90
C LEU A 26 18.49 3.09 15.67
N LYS A 27 19.06 1.87 15.51
CA LYS A 27 20.48 1.66 15.23
C LYS A 27 20.86 2.41 13.93
N LEU A 28 19.99 2.34 12.91
CA LEU A 28 20.23 3.01 11.64
C LEU A 28 20.28 4.55 11.87
N LEU A 29 19.32 5.10 12.61
CA LEU A 29 19.28 6.55 12.88
C LEU A 29 20.51 7.00 13.68
N LYS A 30 20.92 6.22 14.70
CA LYS A 30 22.08 6.52 15.54
C LYS A 30 23.39 6.42 14.73
N SER A 31 23.43 5.59 13.65
CA SER A 31 24.61 5.51 12.77
C SER A 31 24.82 6.84 12.01
N VAL A 32 23.78 7.70 11.92
CA VAL A 32 23.92 9.00 11.25
C VAL A 32 23.75 10.17 12.26
N GLY A 33 24.04 9.94 13.53
CA GLY A 33 24.06 11.02 14.52
C GLY A 33 22.87 11.26 15.43
N ALA A 34 21.79 10.48 15.30
CA ALA A 34 20.65 10.63 16.20
C ALA A 34 21.06 10.15 17.59
N GLN A 35 20.47 10.70 18.65
CA GLN A 35 20.91 10.31 19.99
C GLN A 35 19.76 9.91 20.92
N LYS A 36 18.53 10.30 20.59
CA LYS A 36 17.39 10.01 21.44
C LYS A 36 16.64 8.74 21.00
N ASP A 37 15.64 8.36 21.80
CA ASP A 37 14.83 7.17 21.54
C ASP A 37 13.45 7.56 20.94
N THR A 38 12.97 8.81 21.16
CA THR A 38 11.67 9.30 20.69
C THR A 38 11.86 10.45 19.70
N TYR A 39 11.12 10.41 18.58
CA TYR A 39 11.22 11.39 17.49
C TYR A 39 9.89 11.79 16.95
N THR A 40 9.84 12.89 16.20
CA THR A 40 8.66 13.19 15.40
C THR A 40 8.93 12.46 14.08
N MET A 41 7.89 12.14 13.29
CA MET A 41 8.07 11.52 11.99
C MET A 41 8.98 12.38 11.10
N LYS A 42 8.83 13.71 11.15
CA LYS A 42 9.65 14.59 10.29
C LYS A 42 11.16 14.56 10.63
N GLU A 43 11.54 14.29 11.90
CA GLU A 43 12.96 14.12 12.25
C GLU A 43 13.46 12.80 11.71
N VAL A 44 12.64 11.72 11.84
CA VAL A 44 12.95 10.39 11.31
C VAL A 44 13.27 10.51 9.79
N LEU A 45 12.41 11.25 9.05
CA LEU A 45 12.62 11.44 7.61
C LEU A 45 13.92 12.19 7.32
N PHE A 46 14.28 13.14 8.18
CA PHE A 46 15.54 13.90 8.02
C PHE A 46 16.76 12.96 8.18
N TYR A 47 16.79 12.14 9.24
CA TYR A 47 17.89 11.19 9.47
C TYR A 47 17.98 10.15 8.39
N LEU A 48 16.82 9.65 7.90
CA LEU A 48 16.81 8.66 6.82
C LEU A 48 17.30 9.25 5.52
N GLY A 49 17.03 10.52 5.29
CA GLY A 49 17.56 11.24 4.12
C GLY A 49 19.08 11.29 4.21
N GLN A 50 19.64 11.56 5.41
CA GLN A 50 21.11 11.59 5.58
C GLN A 50 21.73 10.20 5.35
N TYR A 51 21.03 9.16 5.85
CA TYR A 51 21.50 7.77 5.70
C TYR A 51 21.56 7.40 4.21
N ILE A 52 20.49 7.71 3.45
CA ILE A 52 20.43 7.39 2.03
C ILE A 52 21.62 8.06 1.31
N MET A 53 21.91 9.33 1.62
CA MET A 53 23.05 10.04 1.00
C MET A 53 24.40 9.43 1.38
N THR A 54 24.63 9.13 2.67
CA THR A 54 25.88 8.53 3.21
C THR A 54 26.16 7.15 2.56
N LYS A 55 25.12 6.32 2.43
CA LYS A 55 25.25 4.99 1.85
C LYS A 55 25.18 5.03 0.31
N ARG A 56 24.99 6.23 -0.30
CA ARG A 56 24.90 6.47 -1.76
C ARG A 56 23.82 5.59 -2.42
N LEU A 57 22.61 5.57 -1.85
CA LEU A 57 21.52 4.73 -2.35
C LEU A 57 20.65 5.44 -3.39
N TYR A 58 20.80 6.76 -3.53
CA TYR A 58 19.97 7.57 -4.41
C TYR A 58 20.63 7.80 -5.76
N GLN A 63 16.05 9.45 -12.37
CA GLN A 63 14.71 8.83 -12.32
C GLN A 63 14.06 8.90 -10.91
N HIS A 64 14.78 9.48 -9.91
CA HIS A 64 14.34 9.72 -8.53
C HIS A 64 14.03 8.41 -7.76
N ILE A 65 14.83 7.36 -8.00
CA ILE A 65 14.65 6.08 -7.34
C ILE A 65 15.79 5.83 -6.36
N VAL A 66 15.47 5.31 -5.17
CA VAL A 66 16.42 4.81 -4.19
C VAL A 66 16.52 3.28 -4.42
N TYR A 67 17.74 2.75 -4.60
CA TYR A 67 18.01 1.31 -4.76
C TYR A 67 18.56 0.82 -3.43
N CYS A 68 17.79 0.00 -2.71
CA CYS A 68 18.17 -0.39 -1.35
C CYS A 68 18.19 -1.92 -1.13
N SER A 69 18.18 -2.73 -2.19
CA SER A 69 18.14 -4.20 -2.04
C SER A 69 19.38 -4.84 -1.36
N ASN A 70 20.53 -4.17 -1.35
CA ASN A 70 21.68 -4.81 -0.68
C ASN A 70 22.04 -4.04 0.58
N ASP A 71 21.04 -3.38 1.18
CA ASP A 71 21.26 -2.54 2.35
C ASP A 71 20.26 -2.86 3.44
N LEU A 72 20.60 -2.57 4.71
CA LEU A 72 19.70 -2.70 5.85
C LEU A 72 18.35 -1.98 5.56
N LEU A 73 18.39 -0.83 4.84
CA LEU A 73 17.16 -0.09 4.53
C LEU A 73 16.16 -0.98 3.74
N GLY A 74 16.67 -1.77 2.80
CA GLY A 74 15.91 -2.73 1.99
C GLY A 74 15.25 -3.78 2.83
N ASP A 75 15.94 -4.26 3.89
CA ASP A 75 15.39 -5.26 4.84
C ASP A 75 14.26 -4.67 5.67
N LEU A 76 14.43 -3.43 6.11
CA LEU A 76 13.43 -2.74 6.93
C LEU A 76 12.21 -2.37 6.10
N PHE A 77 12.44 -1.90 4.86
CA PHE A 77 11.32 -1.45 4.03
C PHE A 77 10.64 -2.60 3.31
N GLY A 78 11.33 -3.72 3.14
CA GLY A 78 10.78 -4.88 2.46
C GLY A 78 10.67 -4.68 0.95
N VAL A 79 11.49 -3.79 0.38
CA VAL A 79 11.44 -3.55 -1.10
C VAL A 79 12.85 -3.45 -1.66
N PRO A 80 13.07 -3.72 -2.97
CA PRO A 80 14.41 -3.52 -3.53
C PRO A 80 14.69 -2.06 -3.92
N SER A 81 13.61 -1.25 -4.11
CA SER A 81 13.70 0.14 -4.56
C SER A 81 12.39 0.87 -4.38
N PHE A 82 12.43 2.21 -4.46
CA PHE A 82 11.23 3.04 -4.32
C PHE A 82 11.51 4.44 -4.81
N SER A 83 10.47 5.13 -5.27
CA SER A 83 10.53 6.52 -5.70
C SER A 83 10.61 7.40 -4.47
N VAL A 84 11.55 8.37 -4.47
CA VAL A 84 11.71 9.36 -3.38
C VAL A 84 10.54 10.38 -3.39
N LYS A 85 9.71 10.38 -4.44
CA LYS A 85 8.60 11.33 -4.59
C LYS A 85 7.25 10.79 -4.07
N GLU A 86 7.14 9.48 -3.76
CA GLU A 86 5.90 8.84 -3.32
C GLU A 86 5.92 8.77 -1.81
N HIS A 87 5.64 9.90 -1.17
CA HIS A 87 5.80 10.09 0.27
C HIS A 87 4.86 9.24 1.14
N ARG A 88 3.60 9.00 0.74
CA ARG A 88 2.72 8.12 1.54
C ARG A 88 3.32 6.72 1.59
N LYS A 89 3.79 6.22 0.44
CA LYS A 89 4.37 4.87 0.42
C LYS A 89 5.57 4.76 1.36
N ILE A 90 6.40 5.82 1.44
CA ILE A 90 7.60 5.85 2.29
C ILE A 90 7.14 5.87 3.74
N TYR A 91 6.12 6.69 4.06
CA TYR A 91 5.55 6.75 5.40
C TYR A 91 5.06 5.37 5.81
N THR A 92 4.33 4.67 4.92
CA THR A 92 3.83 3.31 5.21
C THR A 92 5.01 2.36 5.57
N MET A 93 6.10 2.40 4.81
CA MET A 93 7.24 1.49 5.06
C MET A 93 7.96 1.83 6.38
N ILE A 94 8.02 3.14 6.72
CA ILE A 94 8.66 3.59 7.97
C ILE A 94 7.82 3.19 9.19
N TYR A 95 6.47 3.37 9.14
CA TYR A 95 5.58 3.04 10.26
C TYR A 95 5.73 1.58 10.72
N ARG A 96 6.07 0.65 9.81
CA ARG A 96 6.26 -0.77 10.15
CA ARG A 96 6.21 -0.76 10.21
C ARG A 96 7.49 -0.98 11.04
N ASN A 97 8.37 0.02 11.11
CA ASN A 97 9.64 -0.10 11.88
C ASN A 97 9.70 0.74 13.13
N LEU A 98 8.53 1.15 13.63
CA LEU A 98 8.47 1.95 14.85
C LEU A 98 7.17 1.69 15.59
N VAL A 99 7.04 2.29 16.79
CA VAL A 99 5.84 2.23 17.63
C VAL A 99 5.41 3.66 17.86
N VAL A 100 4.14 3.99 17.53
CA VAL A 100 3.61 5.34 17.74
C VAL A 100 3.46 5.48 19.26
N VAL A 101 3.96 6.59 19.83
CA VAL A 101 3.90 6.86 21.26
C VAL A 101 2.44 7.07 21.68
N ASN A 102 2.00 6.33 22.72
CA ASN A 102 0.64 6.38 23.26
C ASN A 102 0.44 7.68 24.06
N THR B 1 -28.44 7.61 3.02
CA THR B 1 -28.25 8.91 3.63
C THR B 1 -26.76 9.25 3.67
N ASP B 2 -26.39 10.37 3.05
CA ASP B 2 -25.04 10.95 3.05
C ASP B 2 -24.88 11.68 4.40
N GLY B 3 -23.66 12.02 4.73
CA GLY B 3 -23.35 12.74 5.96
C GLY B 3 -21.86 12.87 6.16
N ALA B 4 -21.48 13.29 7.36
CA ALA B 4 -20.09 13.52 7.71
C ALA B 4 -19.92 13.25 9.20
N VAL B 5 -18.71 12.89 9.63
CA VAL B 5 -18.47 12.68 11.05
C VAL B 5 -17.09 13.24 11.35
N THR B 6 -16.98 14.05 12.39
CA THR B 6 -15.68 14.65 12.73
C THR B 6 -15.28 14.28 14.13
N THR B 7 -13.99 14.42 14.44
CA THR B 7 -13.43 14.11 15.76
C THR B 7 -12.55 15.25 16.25
N SER B 8 -12.46 15.44 17.57
CA SER B 8 -11.59 16.43 18.22
C SER B 8 -10.12 15.96 18.19
N GLN B 9 -9.86 14.68 17.83
CA GLN B 9 -8.52 14.08 17.83
C GLN B 9 -7.69 14.47 16.60
N ILE B 10 -8.34 15.01 15.56
CA ILE B 10 -7.69 15.39 14.30
C ILE B 10 -7.94 16.88 14.05
N PRO B 11 -6.99 17.68 13.48
CA PRO B 11 -7.32 19.10 13.18
C PRO B 11 -8.53 19.18 12.26
N ALA B 12 -9.39 20.17 12.52
CA ALA B 12 -10.62 20.42 11.76
C ALA B 12 -10.36 20.55 10.25
N SER B 13 -9.33 21.33 9.85
CA SER B 13 -9.06 21.54 8.41
C SER B 13 -8.64 20.25 7.69
N GLU B 14 -8.00 19.34 8.40
CA GLU B 14 -7.56 18.07 7.84
C GLU B 14 -8.77 17.17 7.50
N GLN B 15 -9.85 17.28 8.26
CA GLN B 15 -11.05 16.47 8.05
C GLN B 15 -11.85 16.97 6.83
N GLU B 16 -11.53 18.18 6.33
CA GLU B 16 -12.11 18.80 5.11
C GLU B 16 -11.34 18.39 3.85
N THR B 17 -10.17 17.72 4.00
CA THR B 17 -9.31 17.31 2.85
C THR B 17 -10.13 16.59 1.77
N LEU B 18 -9.95 17.01 0.50
CA LEU B 18 -10.58 16.40 -0.69
C LEU B 18 -9.78 15.20 -1.05
N VAL B 19 -10.44 14.07 -1.24
CA VAL B 19 -9.72 12.81 -1.44
C VAL B 19 -10.37 12.04 -2.56
N ARG B 20 -9.56 11.23 -3.24
CA ARG B 20 -10.00 10.37 -4.33
C ARG B 20 -9.73 8.91 -3.97
N PRO B 21 -10.74 8.21 -3.43
CA PRO B 21 -10.52 6.82 -2.98
C PRO B 21 -10.06 5.91 -4.10
N LYS B 22 -9.09 5.04 -3.76
CA LYS B 22 -8.53 4.01 -4.63
C LYS B 22 -9.63 2.91 -4.82
N PRO B 23 -9.51 1.96 -5.77
CA PRO B 23 -10.66 1.07 -6.07
C PRO B 23 -11.29 0.27 -4.93
N LEU B 24 -10.51 -0.33 -3.99
CA LEU B 24 -11.13 -1.10 -2.89
C LEU B 24 -11.93 -0.17 -1.98
N LEU B 25 -11.36 0.99 -1.59
CA LEU B 25 -12.10 1.93 -0.73
C LEU B 25 -13.36 2.42 -1.46
N LEU B 26 -13.24 2.77 -2.75
CA LEU B 26 -14.39 3.23 -3.53
C LEU B 26 -15.49 2.14 -3.59
N LYS B 27 -15.12 0.87 -3.78
CA LYS B 27 -16.04 -0.27 -3.77
C LYS B 27 -16.86 -0.31 -2.44
N LEU B 28 -16.18 -0.19 -1.27
CA LEU B 28 -16.79 -0.18 0.06
C LEU B 28 -17.77 0.99 0.18
N LEU B 29 -17.33 2.20 -0.23
CA LEU B 29 -18.16 3.41 -0.18
C LEU B 29 -19.42 3.25 -1.03
N LYS B 30 -19.28 2.74 -2.27
CA LYS B 30 -20.43 2.57 -3.17
C LYS B 30 -21.42 1.52 -2.64
N SER B 31 -20.93 0.51 -1.88
CA SER B 31 -21.77 -0.55 -1.29
C SER B 31 -22.76 0.01 -0.23
N VAL B 32 -22.51 1.22 0.33
CA VAL B 32 -23.41 1.84 1.33
C VAL B 32 -24.11 3.08 0.73
N GLY B 33 -24.14 3.19 -0.59
CA GLY B 33 -24.87 4.25 -1.27
C GLY B 33 -24.10 5.45 -1.78
N ALA B 34 -22.77 5.51 -1.56
CA ALA B 34 -21.97 6.64 -2.06
C ALA B 34 -21.90 6.58 -3.60
N GLN B 35 -22.04 7.72 -4.26
CA GLN B 35 -22.09 7.68 -5.72
C GLN B 35 -21.03 8.58 -6.40
N LYS B 36 -20.16 9.23 -5.63
CA LYS B 36 -19.16 10.10 -6.23
C LYS B 36 -17.73 9.48 -6.20
N ASP B 37 -16.76 10.14 -6.83
CA ASP B 37 -15.36 9.69 -6.91
C ASP B 37 -14.46 10.57 -6.06
N THR B 38 -15.01 11.69 -5.58
CA THR B 38 -14.32 12.68 -4.75
C THR B 38 -15.15 12.90 -3.48
N TYR B 39 -14.48 12.89 -2.33
CA TYR B 39 -15.08 13.09 -1.01
C TYR B 39 -14.20 13.96 -0.14
N THR B 40 -14.71 14.37 1.02
CA THR B 40 -13.88 14.98 2.06
C THR B 40 -13.57 13.83 3.00
N MET B 41 -12.51 13.92 3.81
CA MET B 41 -12.19 12.84 4.76
C MET B 41 -13.36 12.59 5.72
N LYS B 42 -14.00 13.66 6.24
CA LYS B 42 -15.12 13.49 7.16
C LYS B 42 -16.28 12.71 6.53
N GLU B 43 -16.51 12.82 5.20
CA GLU B 43 -17.58 12.05 4.54
C GLU B 43 -17.21 10.58 4.45
N VAL B 44 -15.94 10.31 4.10
CA VAL B 44 -15.38 8.96 4.04
C VAL B 44 -15.57 8.27 5.39
N LEU B 45 -15.29 9.00 6.50
CA LEU B 45 -15.41 8.41 7.84
C LEU B 45 -16.86 8.07 8.17
N PHE B 46 -17.80 8.92 7.68
CA PHE B 46 -19.23 8.69 7.86
C PHE B 46 -19.68 7.43 7.14
N TYR B 47 -19.33 7.29 5.85
CA TYR B 47 -19.72 6.10 5.07
C TYR B 47 -19.05 4.84 5.61
N LEU B 48 -17.78 4.93 6.07
CA LEU B 48 -17.13 3.73 6.66
C LEU B 48 -17.81 3.35 7.98
N GLY B 49 -18.33 4.34 8.69
CA GLY B 49 -19.10 4.14 9.92
C GLY B 49 -20.37 3.38 9.63
N GLN B 50 -21.11 3.79 8.59
CA GLN B 50 -22.32 3.11 8.13
C GLN B 50 -21.97 1.69 7.68
N TYR B 51 -20.84 1.56 6.96
CA TYR B 51 -20.37 0.25 6.49
C TYR B 51 -20.15 -0.68 7.67
N ILE B 52 -19.37 -0.24 8.67
CA ILE B 52 -19.09 -1.04 9.88
C ILE B 52 -20.42 -1.51 10.56
N MET B 53 -21.41 -0.59 10.67
CA MET B 53 -22.71 -0.91 11.28
C MET B 53 -23.47 -1.95 10.44
N THR B 54 -23.59 -1.73 9.12
CA THR B 54 -24.28 -2.64 8.18
C THR B 54 -23.68 -4.07 8.23
N LYS B 55 -22.33 -4.18 8.28
CA LYS B 55 -21.62 -5.46 8.29
C LYS B 55 -21.46 -6.02 9.70
N ARG B 56 -21.97 -5.32 10.74
CA ARG B 56 -21.93 -5.72 12.16
C ARG B 56 -20.48 -6.02 12.63
N LEU B 57 -19.52 -5.13 12.32
CA LEU B 57 -18.11 -5.37 12.67
C LEU B 57 -17.69 -4.77 14.01
N TYR B 58 -18.52 -3.93 14.61
CA TYR B 58 -18.12 -3.28 15.85
C TYR B 58 -18.60 -4.05 17.07
N GLN B 62 -17.35 -3.46 23.96
CA GLN B 62 -16.63 -4.67 24.32
C GLN B 62 -15.17 -4.54 23.84
N GLN B 63 -14.36 -3.81 24.66
CA GLN B 63 -12.94 -3.48 24.41
C GLN B 63 -12.77 -2.40 23.29
N HIS B 64 -13.88 -1.88 22.72
CA HIS B 64 -13.97 -0.85 21.67
C HIS B 64 -13.17 -1.21 20.41
N ILE B 65 -13.37 -2.44 19.91
CA ILE B 65 -12.63 -2.98 18.78
C ILE B 65 -13.56 -3.26 17.62
N VAL B 66 -13.10 -2.87 16.42
CA VAL B 66 -13.73 -3.21 15.16
C VAL B 66 -13.01 -4.48 14.70
N TYR B 67 -13.76 -5.59 14.63
CA TYR B 67 -13.22 -6.88 14.20
C TYR B 67 -13.54 -7.07 12.71
N CYS B 68 -12.52 -6.94 11.83
CA CYS B 68 -12.74 -6.93 10.38
C CYS B 68 -12.00 -8.05 9.61
N SER B 69 -11.48 -9.06 10.31
CA SER B 69 -10.73 -10.14 9.66
C SER B 69 -11.54 -10.93 8.61
N ASN B 70 -12.87 -11.03 8.74
CA ASN B 70 -13.66 -11.79 7.75
C ASN B 70 -14.38 -10.89 6.75
N ASP B 71 -13.89 -9.64 6.58
CA ASP B 71 -14.52 -8.64 5.74
C ASP B 71 -13.51 -7.93 4.84
N LEU B 72 -14.00 -7.37 3.71
CA LEU B 72 -13.12 -6.62 2.81
C LEU B 72 -12.53 -5.38 3.53
N LEU B 73 -13.16 -4.89 4.63
CA LEU B 73 -12.58 -3.77 5.42
C LEU B 73 -11.19 -4.20 5.98
N GLY B 74 -11.07 -5.45 6.39
CA GLY B 74 -9.83 -6.04 6.86
C GLY B 74 -8.82 -6.15 5.75
N ASP B 75 -9.28 -6.42 4.51
CA ASP B 75 -8.37 -6.43 3.35
C ASP B 75 -7.96 -4.98 3.03
N LEU B 76 -8.88 -4.03 3.22
CA LEU B 76 -8.62 -2.61 2.95
C LEU B 76 -7.51 -2.04 3.84
N PHE B 77 -7.62 -2.30 5.15
CA PHE B 77 -6.69 -1.81 6.15
C PHE B 77 -5.52 -2.75 6.38
N GLY B 78 -5.62 -3.98 5.89
CA GLY B 78 -4.56 -4.97 6.02
C GLY B 78 -4.39 -5.44 7.46
N VAL B 79 -5.46 -5.37 8.28
CA VAL B 79 -5.42 -5.82 9.68
C VAL B 79 -6.68 -6.64 10.01
N PRO B 80 -6.62 -7.60 10.95
CA PRO B 80 -7.85 -8.33 11.33
C PRO B 80 -8.75 -7.52 12.27
N SER B 81 -8.17 -6.50 12.95
CA SER B 81 -8.91 -5.68 13.91
C SER B 81 -8.20 -4.38 14.18
N PHE B 82 -8.90 -3.44 14.83
CA PHE B 82 -8.32 -2.14 15.23
C PHE B 82 -9.21 -1.52 16.29
N SER B 83 -8.65 -0.60 17.08
CA SER B 83 -9.36 0.11 18.13
C SER B 83 -10.09 1.35 17.54
N VAL B 84 -11.41 1.48 17.79
CA VAL B 84 -12.22 2.63 17.29
C VAL B 84 -11.76 3.98 17.79
N LYS B 85 -11.04 4.04 18.91
CA LYS B 85 -10.65 5.33 19.50
C LYS B 85 -9.28 5.83 19.02
N GLU B 86 -8.60 5.09 18.15
CA GLU B 86 -7.28 5.46 17.61
C GLU B 86 -7.49 6.22 16.32
N HIS B 87 -7.98 7.46 16.41
CA HIS B 87 -8.41 8.23 15.25
C HIS B 87 -7.28 8.60 14.29
N ARG B 88 -6.08 8.94 14.80
CA ARG B 88 -4.95 9.23 13.92
C ARG B 88 -4.55 7.93 13.17
N LYS B 89 -4.55 6.80 13.87
CA LYS B 89 -4.20 5.53 13.24
C LYS B 89 -5.22 5.18 12.14
N ILE B 90 -6.53 5.41 12.41
CA ILE B 90 -7.57 5.12 11.42
C ILE B 90 -7.41 6.04 10.23
N TYR B 91 -7.13 7.36 10.47
CA TYR B 91 -6.89 8.33 9.40
C TYR B 91 -5.72 7.84 8.52
N THR B 92 -4.62 7.36 9.15
CA THR B 92 -3.43 6.88 8.43
C THR B 92 -3.80 5.67 7.53
N MET B 93 -4.57 4.70 8.06
CA MET B 93 -4.99 3.52 7.29
C MET B 93 -5.89 3.91 6.08
N ILE B 94 -6.73 4.92 6.26
CA ILE B 94 -7.59 5.40 5.17
C ILE B 94 -6.73 6.17 4.15
N TYR B 95 -5.79 7.03 4.61
CA TYR B 95 -4.94 7.83 3.70
C TYR B 95 -4.18 6.98 2.73
N ARG B 96 -3.83 5.73 3.13
CA ARG B 96 -3.18 4.74 2.28
C ARG B 96 -4.02 4.33 1.10
N ASN B 97 -5.34 4.38 1.26
CA ASN B 97 -6.31 3.90 0.27
C ASN B 97 -6.94 5.01 -0.55
N LEU B 98 -6.22 6.11 -0.69
CA LEU B 98 -6.73 7.24 -1.47
C LEU B 98 -5.60 8.14 -1.94
N VAL B 99 -5.98 9.14 -2.76
CA VAL B 99 -5.12 10.19 -3.27
C VAL B 99 -5.73 11.53 -2.79
N VAL B 100 -4.91 12.37 -2.16
CA VAL B 100 -5.29 13.68 -1.62
C VAL B 100 -5.30 14.66 -2.77
N VAL B 101 -6.32 15.51 -2.82
CA VAL B 101 -6.43 16.58 -3.81
C VAL B 101 -6.23 17.89 -3.06
N ASN B 102 -5.14 18.60 -3.33
CA ASN B 102 -4.84 19.88 -2.69
C ASN B 102 -5.79 20.99 -3.13
N GLN B 103 -6.12 21.90 -2.19
CA GLN B 103 -6.96 23.09 -2.38
C GLN B 103 -6.17 24.36 -2.08
N ASP C 2 -4.95 -17.29 -22.70
CA ASP C 2 -4.89 -18.20 -21.57
C ASP C 2 -3.59 -19.04 -21.62
N GLY C 3 -3.12 -19.40 -20.43
CA GLY C 3 -1.92 -20.19 -20.25
C GLY C 3 -1.57 -20.39 -18.80
N ALA C 4 -0.37 -20.88 -18.57
CA ALA C 4 0.14 -21.19 -17.25
C ALA C 4 1.64 -21.03 -17.23
N VAL C 5 2.16 -20.57 -16.10
CA VAL C 5 3.60 -20.44 -15.97
C VAL C 5 3.98 -21.08 -14.65
N THR C 6 4.97 -21.95 -14.74
CA THR C 6 5.44 -22.64 -13.54
C THR C 6 6.91 -22.32 -13.29
N THR C 7 7.30 -22.37 -12.03
CA THR C 7 8.66 -22.09 -11.57
C THR C 7 9.22 -23.28 -10.76
N SER C 8 10.55 -23.46 -10.80
CA SER C 8 11.24 -24.50 -10.01
C SER C 8 11.41 -24.04 -8.55
N GLN C 9 11.17 -22.75 -8.24
CA GLN C 9 11.33 -22.21 -6.88
C GLN C 9 10.19 -22.63 -5.94
N ILE C 10 9.06 -23.14 -6.48
CA ILE C 10 7.86 -23.48 -5.70
C ILE C 10 7.53 -24.95 -5.99
N PRO C 11 7.02 -25.75 -5.01
CA PRO C 11 6.67 -27.14 -5.34
C PRO C 11 5.59 -27.18 -6.44
N ALA C 12 5.68 -28.19 -7.32
CA ALA C 12 4.75 -28.35 -8.45
C ALA C 12 3.30 -28.46 -7.98
N SER C 13 3.06 -29.22 -6.89
CA SER C 13 1.70 -29.47 -6.35
C SER C 13 1.06 -28.17 -5.86
N GLU C 14 1.86 -27.29 -5.27
CA GLU C 14 1.38 -25.99 -4.80
C GLU C 14 0.93 -25.08 -6.00
N GLN C 15 1.61 -25.18 -7.15
CA GLN C 15 1.31 -24.34 -8.32
C GLN C 15 0.00 -24.78 -9.01
N GLU C 16 -0.48 -25.98 -8.64
CA GLU C 16 -1.75 -26.53 -9.12
C GLU C 16 -2.92 -26.15 -8.22
N THR C 17 -2.68 -25.48 -7.07
CA THR C 17 -3.76 -25.15 -6.13
C THR C 17 -4.86 -24.32 -6.81
N LEU C 18 -6.13 -24.72 -6.59
CA LEU C 18 -7.32 -24.04 -7.11
C LEU C 18 -7.67 -22.91 -6.21
N VAL C 19 -7.79 -21.74 -6.79
CA VAL C 19 -8.00 -20.53 -6.00
C VAL C 19 -9.12 -19.68 -6.58
N ARG C 20 -9.75 -18.87 -5.72
CA ARG C 20 -10.79 -17.93 -6.12
C ARG C 20 -10.32 -16.50 -5.80
N PRO C 21 -9.77 -15.79 -6.80
CA PRO C 21 -9.31 -14.41 -6.55
C PRO C 21 -10.41 -13.53 -5.96
N LYS C 22 -10.01 -12.63 -5.06
CA LYS C 22 -10.90 -11.64 -4.44
C LYS C 22 -11.31 -10.64 -5.55
N PRO C 23 -12.41 -9.84 -5.39
CA PRO C 23 -12.91 -9.04 -6.51
C PRO C 23 -11.92 -8.14 -7.28
N LEU C 24 -10.96 -7.52 -6.61
CA LEU C 24 -10.06 -6.62 -7.30
C LEU C 24 -8.97 -7.35 -8.07
N LEU C 25 -8.44 -8.49 -7.53
CA LEU C 25 -7.51 -9.32 -8.29
C LEU C 25 -8.27 -9.89 -9.48
N LEU C 26 -9.55 -10.29 -9.29
CA LEU C 26 -10.36 -10.82 -10.38
C LEU C 26 -10.56 -9.79 -11.50
N LYS C 27 -10.84 -8.52 -11.14
CA LYS C 27 -10.98 -7.42 -12.10
C LYS C 27 -9.69 -7.26 -12.91
N LEU C 28 -8.53 -7.33 -12.25
CA LEU C 28 -7.22 -7.25 -12.88
C LEU C 28 -7.05 -8.41 -13.88
N LEU C 29 -7.41 -9.64 -13.48
CA LEU C 29 -7.30 -10.81 -14.36
C LEU C 29 -8.23 -10.68 -15.57
N LYS C 30 -9.45 -10.15 -15.36
CA LYS C 30 -10.42 -9.98 -16.46
C LYS C 30 -9.97 -8.89 -17.43
N SER C 31 -9.21 -7.89 -16.95
CA SER C 31 -8.67 -6.83 -17.81
C SER C 31 -7.67 -7.42 -18.85
N VAL C 32 -7.13 -8.65 -18.61
CA VAL C 32 -6.19 -9.28 -19.55
C VAL C 32 -6.83 -10.54 -20.21
N GLY C 33 -8.15 -10.57 -20.27
CA GLY C 33 -8.86 -11.64 -20.96
C GLY C 33 -9.37 -12.81 -20.15
N ALA C 34 -9.05 -12.89 -18.84
CA ALA C 34 -9.56 -14.01 -18.02
C ALA C 34 -11.10 -13.97 -17.94
N GLN C 35 -11.76 -15.12 -17.93
CA GLN C 35 -13.22 -15.14 -17.98
C GLN C 35 -13.88 -15.93 -16.83
N LYS C 36 -13.11 -16.77 -16.12
CA LYS C 36 -13.68 -17.60 -15.06
C LYS C 36 -13.43 -17.00 -13.66
N ASP C 37 -14.00 -17.63 -12.63
CA ASP C 37 -13.89 -17.16 -11.25
C ASP C 37 -12.86 -17.96 -10.45
N THR C 38 -12.55 -19.18 -10.92
CA THR C 38 -11.64 -20.13 -10.30
C THR C 38 -10.46 -20.42 -11.21
N TYR C 39 -9.26 -20.48 -10.64
CA TYR C 39 -8.01 -20.71 -11.38
C TYR C 39 -7.05 -21.57 -10.61
N THR C 40 -6.03 -22.08 -11.30
CA THR C 40 -4.92 -22.71 -10.58
C THR C 40 -3.93 -21.56 -10.34
N MET C 41 -3.04 -21.67 -9.35
CA MET C 41 -2.05 -20.61 -9.10
C MET C 41 -1.19 -20.34 -10.38
N LYS C 42 -0.77 -21.42 -11.12
CA LYS C 42 -0.03 -21.32 -12.38
C LYS C 42 -0.68 -20.39 -13.39
N GLU C 43 -2.01 -20.50 -13.54
CA GLU C 43 -2.77 -19.64 -14.47
C GLU C 43 -2.82 -18.21 -13.98
N VAL C 44 -2.96 -18.00 -12.64
CA VAL C 44 -2.99 -16.65 -12.04
C VAL C 44 -1.63 -15.96 -12.36
N LEU C 45 -0.54 -16.67 -12.18
CA LEU C 45 0.80 -16.11 -12.46
C LEU C 45 0.98 -15.79 -13.95
N PHE C 46 0.32 -16.57 -14.83
CA PHE C 46 0.39 -16.31 -16.28
C PHE C 46 -0.35 -15.02 -16.61
N TYR C 47 -1.58 -14.85 -16.08
CA TYR C 47 -2.33 -13.64 -16.35
C TYR C 47 -1.61 -12.40 -15.77
N LEU C 48 -1.06 -12.52 -14.55
CA LEU C 48 -0.33 -11.42 -13.91
C LEU C 48 0.92 -11.04 -14.69
N GLY C 49 1.59 -12.01 -15.30
CA GLY C 49 2.73 -11.74 -16.18
C GLY C 49 2.30 -10.96 -17.42
N GLN C 50 1.15 -11.33 -18.03
CA GLN C 50 0.60 -10.58 -19.19
C GLN C 50 0.25 -9.15 -18.80
N TYR C 51 -0.42 -9.01 -17.64
CA TYR C 51 -0.79 -7.71 -17.09
C TYR C 51 0.45 -6.82 -16.92
N ILE C 52 1.50 -7.35 -16.26
CA ILE C 52 2.76 -6.61 -16.01
C ILE C 52 3.39 -6.16 -17.34
N MET C 53 3.48 -7.08 -18.30
CA MET C 53 4.03 -6.80 -19.62
C MET C 53 3.20 -5.72 -20.36
N THR C 54 1.86 -5.82 -20.34
CA THR C 54 0.98 -4.87 -21.04
C THR C 54 1.08 -3.47 -20.43
N LYS C 55 1.17 -3.39 -19.10
CA LYS C 55 1.24 -2.11 -18.38
C LYS C 55 2.65 -1.56 -18.33
N ARG C 56 3.65 -2.33 -18.81
CA ARG C 56 5.07 -1.90 -18.86
C ARG C 56 5.65 -1.68 -17.45
N LEU C 57 5.25 -2.48 -16.48
CA LEU C 57 5.68 -2.29 -15.09
C LEU C 57 7.04 -2.87 -14.78
N TYR C 58 7.53 -3.80 -15.61
CA TYR C 58 8.78 -4.51 -15.38
C TYR C 58 9.98 -3.79 -15.97
N ASP C 59 11.05 -3.69 -15.15
CA ASP C 59 12.31 -3.06 -15.51
C ASP C 59 13.42 -4.12 -15.50
N GLU C 60 13.64 -4.77 -16.64
CA GLU C 60 14.65 -5.81 -16.79
C GLU C 60 16.05 -5.27 -16.56
N LYS C 61 16.37 -4.14 -17.19
CA LYS C 61 17.70 -3.54 -17.17
C LYS C 61 18.13 -3.07 -15.79
N GLN C 62 17.20 -2.71 -14.91
CA GLN C 62 17.65 -2.22 -13.61
C GLN C 62 17.16 -3.15 -12.50
N GLN C 63 17.96 -4.21 -12.31
CA GLN C 63 17.86 -5.21 -11.25
C GLN C 63 16.58 -6.07 -11.29
N HIS C 64 15.92 -6.20 -12.47
CA HIS C 64 14.76 -7.09 -12.62
C HIS C 64 13.66 -6.79 -11.56
N ILE C 65 13.23 -5.54 -11.52
CA ILE C 65 12.24 -5.10 -10.56
C ILE C 65 10.94 -4.74 -11.28
N VAL C 66 9.81 -5.11 -10.65
CA VAL C 66 8.48 -4.69 -11.09
C VAL C 66 8.13 -3.45 -10.24
N TYR C 67 7.83 -2.31 -10.88
CA TYR C 67 7.41 -1.06 -10.21
C TYR C 67 5.93 -0.95 -10.32
N CYS C 68 5.23 -0.89 -9.21
CA CYS C 68 3.77 -0.90 -9.21
C CYS C 68 3.16 0.10 -8.24
N SER C 69 3.89 1.16 -7.82
CA SER C 69 3.32 2.08 -6.81
C SER C 69 2.06 2.85 -7.29
N ASN C 70 1.96 3.13 -8.58
CA ASN C 70 0.80 3.89 -9.09
C ASN C 70 -0.13 3.00 -9.92
N ASP C 71 -0.19 1.71 -9.58
CA ASP C 71 -0.99 0.70 -10.29
C ASP C 71 -1.76 -0.09 -9.29
N LEU C 72 -2.91 -0.60 -9.72
CA LEU C 72 -3.78 -1.46 -8.91
C LEU C 72 -2.96 -2.65 -8.36
N LEU C 73 -1.95 -3.11 -9.13
CA LEU C 73 -1.10 -4.22 -8.69
C LEU C 73 -0.40 -3.86 -7.36
N GLY C 74 0.11 -2.63 -7.23
CA GLY C 74 0.75 -2.11 -6.03
C GLY C 74 -0.21 -2.04 -4.84
N ASP C 75 -1.49 -1.64 -5.09
CA ASP C 75 -2.55 -1.66 -4.04
C ASP C 75 -2.81 -3.08 -3.56
N LEU C 76 -2.88 -4.04 -4.49
CA LEU C 76 -3.14 -5.43 -4.13
C LEU C 76 -1.97 -6.05 -3.36
N PHE C 77 -0.75 -5.77 -3.79
CA PHE C 77 0.43 -6.37 -3.18
C PHE C 77 0.89 -5.58 -1.95
N GLY C 78 0.49 -4.33 -1.81
CA GLY C 78 0.86 -3.50 -0.67
C GLY C 78 2.33 -3.06 -0.70
N VAL C 79 2.98 -3.06 -1.88
CA VAL C 79 4.40 -2.65 -2.01
C VAL C 79 4.56 -1.72 -3.21
N PRO C 80 5.51 -0.74 -3.20
CA PRO C 80 5.71 0.08 -4.41
C PRO C 80 6.49 -0.67 -5.50
N SER C 81 7.24 -1.73 -5.12
CA SER C 81 8.06 -2.51 -6.05
C SER C 81 8.38 -3.86 -5.49
N PHE C 82 8.88 -4.79 -6.34
CA PHE C 82 9.29 -6.12 -5.88
C PHE C 82 10.24 -6.74 -6.90
N SER C 83 11.08 -7.65 -6.44
CA SER C 83 12.01 -8.33 -7.33
C SER C 83 11.29 -9.50 -8.01
N VAL C 84 11.34 -9.60 -9.39
CA VAL C 84 10.69 -10.72 -10.12
C VAL C 84 11.21 -12.07 -9.75
N LYS C 85 12.46 -12.18 -9.24
CA LYS C 85 13.07 -13.49 -8.94
C LYS C 85 12.65 -14.05 -7.58
N GLU C 86 11.92 -13.25 -6.76
CA GLU C 86 11.53 -13.66 -5.40
C GLU C 86 10.19 -14.36 -5.49
N HIS C 87 10.18 -15.59 -6.05
CA HIS C 87 8.94 -16.30 -6.36
C HIS C 87 8.08 -16.65 -5.15
N ARG C 88 8.71 -17.02 -4.02
CA ARG C 88 7.95 -17.32 -2.78
C ARG C 88 7.28 -16.05 -2.27
N LYS C 89 8.00 -14.92 -2.29
CA LYS C 89 7.42 -13.66 -1.80
C LYS C 89 6.23 -13.26 -2.69
N ILE C 90 6.35 -13.48 -4.02
CA ILE C 90 5.27 -13.17 -4.96
C ILE C 90 4.08 -14.06 -4.70
N TYR C 91 4.29 -15.37 -4.48
CA TYR C 91 3.20 -16.31 -4.15
C TYR C 91 2.48 -15.84 -2.88
N THR C 92 3.23 -15.42 -1.85
CA THR C 92 2.65 -14.94 -0.58
C THR C 92 1.75 -13.71 -0.82
N MET C 93 2.23 -12.72 -1.59
CA MET C 93 1.46 -11.49 -1.90
C MET C 93 0.16 -11.86 -2.65
N ILE C 94 0.24 -12.86 -3.53
CA ILE C 94 -0.92 -13.28 -4.30
C ILE C 94 -1.90 -14.00 -3.36
N TYR C 95 -1.40 -14.87 -2.48
CA TYR C 95 -2.24 -15.64 -1.54
C TYR C 95 -3.12 -14.74 -0.68
N ARG C 96 -2.63 -13.52 -0.34
CA ARG C 96 -3.38 -12.56 0.48
C ARG C 96 -4.55 -11.99 -0.30
N ASN C 97 -4.59 -12.19 -1.64
CA ASN C 97 -5.63 -11.61 -2.51
C ASN C 97 -6.59 -12.66 -3.07
N LEU C 98 -6.68 -13.80 -2.42
CA LEU C 98 -7.57 -14.85 -2.90
C LEU C 98 -8.05 -15.73 -1.77
N VAL C 99 -8.94 -16.65 -2.12
CA VAL C 99 -9.46 -17.70 -1.25
C VAL C 99 -9.05 -19.05 -1.86
N VAL C 100 -8.41 -19.90 -1.06
CA VAL C 100 -8.02 -21.23 -1.50
C VAL C 100 -9.28 -22.11 -1.47
N VAL C 101 -9.73 -22.63 -2.63
CA VAL C 101 -10.93 -23.46 -2.70
C VAL C 101 -10.61 -24.88 -2.22
N THR D 1 11.19 -24.83 25.25
CA THR D 1 10.86 -26.12 24.65
C THR D 1 10.90 -25.94 23.13
N ASP D 2 11.88 -26.58 22.46
CA ASP D 2 12.03 -26.45 21.02
C ASP D 2 11.11 -27.43 20.30
N GLY D 3 10.51 -26.93 19.25
CA GLY D 3 9.59 -27.69 18.44
C GLY D 3 9.12 -26.86 17.26
N ALA D 4 8.17 -27.38 16.52
CA ALA D 4 7.58 -26.74 15.36
C ALA D 4 6.12 -27.11 15.23
N VAL D 5 5.29 -26.20 14.72
CA VAL D 5 3.88 -26.48 14.50
C VAL D 5 3.55 -26.09 13.07
N THR D 6 2.91 -27.01 12.36
CA THR D 6 2.54 -26.72 10.98
C THR D 6 1.04 -26.78 10.82
N THR D 7 0.52 -26.05 9.83
CA THR D 7 -0.91 -25.97 9.55
C THR D 7 -1.19 -26.30 8.09
N SER D 8 -2.39 -26.82 7.78
CA SER D 8 -2.79 -27.10 6.39
C SER D 8 -3.27 -25.83 5.68
N GLN D 9 -3.51 -24.74 6.42
CA GLN D 9 -3.96 -23.44 5.87
C GLN D 9 -2.85 -22.73 5.10
N ILE D 10 -1.59 -23.13 5.32
CA ILE D 10 -0.41 -22.50 4.73
C ILE D 10 0.38 -23.57 3.96
N PRO D 11 0.94 -23.24 2.78
CA PRO D 11 1.71 -24.27 2.02
C PRO D 11 2.88 -24.80 2.84
N ALA D 12 3.14 -26.10 2.76
CA ALA D 12 4.19 -26.79 3.52
C ALA D 12 5.57 -26.13 3.34
N SER D 13 5.94 -25.82 2.10
CA SER D 13 7.24 -25.24 1.79
C SER D 13 7.39 -23.86 2.39
N GLU D 14 6.31 -23.07 2.43
CA GLU D 14 6.33 -21.74 3.05
C GLU D 14 6.65 -21.82 4.55
N GLN D 15 6.15 -22.85 5.25
CA GLN D 15 6.34 -22.98 6.70
C GLN D 15 7.78 -23.43 7.02
N GLU D 16 8.54 -23.83 6.00
CA GLU D 16 9.94 -24.22 6.12
C GLU D 16 10.87 -23.03 5.91
N THR D 17 10.33 -21.87 5.52
CA THR D 17 11.15 -20.67 5.24
C THR D 17 12.06 -20.32 6.42
N LEU D 18 13.36 -20.12 6.14
CA LEU D 18 14.36 -19.68 7.10
C LEU D 18 14.23 -18.19 7.29
N VAL D 19 14.10 -17.79 8.55
CA VAL D 19 13.86 -16.38 8.88
C VAL D 19 14.78 -15.92 10.02
N ARG D 20 15.01 -14.61 10.07
CA ARG D 20 15.83 -13.99 11.10
C ARG D 20 14.94 -12.99 11.85
N PRO D 21 14.34 -13.36 12.99
CA PRO D 21 13.47 -12.41 13.70
C PRO D 21 14.21 -11.12 14.02
N LYS D 22 13.49 -9.99 13.93
CA LYS D 22 14.06 -8.69 14.26
C LYS D 22 14.23 -8.65 15.78
N PRO D 23 14.99 -7.69 16.36
CA PRO D 23 15.29 -7.78 17.81
C PRO D 23 14.10 -7.88 18.79
N LEU D 24 12.98 -7.17 18.59
CA LEU D 24 11.89 -7.28 19.58
C LEU D 24 11.21 -8.65 19.50
N LEU D 25 11.08 -9.22 18.27
CA LEU D 25 10.51 -10.55 18.13
C LEU D 25 11.49 -11.57 18.70
N LEU D 26 12.80 -11.45 18.40
CA LEU D 26 13.82 -12.35 18.90
C LEU D 26 13.82 -12.39 20.44
N LYS D 27 13.70 -11.19 21.10
CA LYS D 27 13.65 -11.05 22.54
C LYS D 27 12.45 -11.82 23.11
N LEU D 28 11.28 -11.71 22.46
CA LEU D 28 10.04 -12.39 22.83
C LEU D 28 10.25 -13.92 22.75
N LEU D 29 10.88 -14.40 21.67
CA LEU D 29 11.18 -15.81 21.49
C LEU D 29 12.15 -16.32 22.56
N LYS D 30 13.20 -15.53 22.88
CA LYS D 30 14.20 -15.93 23.89
C LYS D 30 13.60 -15.96 25.31
N SER D 31 12.56 -15.15 25.57
CA SER D 31 11.90 -15.14 26.87
C SER D 31 11.13 -16.48 27.12
N VAL D 32 10.91 -17.31 26.08
CA VAL D 32 10.23 -18.60 26.25
C VAL D 32 11.18 -19.75 25.88
N GLY D 33 12.49 -19.51 26.02
CA GLY D 33 13.52 -20.53 25.84
C GLY D 33 14.25 -20.65 24.52
N ALA D 34 13.82 -19.92 23.47
CA ALA D 34 14.50 -19.99 22.17
C ALA D 34 15.97 -19.53 22.31
N GLN D 35 16.90 -20.24 21.66
CA GLN D 35 18.33 -19.95 21.85
C GLN D 35 19.09 -19.65 20.54
N LYS D 36 18.41 -19.56 19.41
CA LYS D 36 19.13 -19.27 18.17
C LYS D 36 18.69 -17.92 17.58
N ASP D 37 19.36 -17.52 16.49
CA ASP D 37 19.11 -16.29 15.75
C ASP D 37 18.25 -16.53 14.51
N THR D 38 18.38 -17.74 13.90
CA THR D 38 17.61 -18.09 12.70
C THR D 38 16.72 -19.29 12.99
N TYR D 39 15.50 -19.24 12.46
CA TYR D 39 14.45 -20.25 12.66
C TYR D 39 13.72 -20.55 11.40
N THR D 40 12.93 -21.63 11.38
CA THR D 40 11.98 -21.86 10.30
C THR D 40 10.72 -21.15 10.80
N MET D 41 9.79 -20.77 9.92
CA MET D 41 8.52 -20.16 10.32
C MET D 41 7.71 -21.07 11.28
N LYS D 42 7.69 -22.37 11.02
CA LYS D 42 6.97 -23.34 11.86
C LYS D 42 7.55 -23.37 13.31
N GLU D 43 8.87 -23.14 13.48
CA GLU D 43 9.47 -23.07 14.82
C GLU D 43 9.04 -21.77 15.50
N VAL D 44 9.01 -20.65 14.74
CA VAL D 44 8.57 -19.36 15.25
C VAL D 44 7.13 -19.48 15.77
N LEU D 45 6.23 -20.13 15.01
CA LEU D 45 4.85 -20.32 15.45
C LEU D 45 4.75 -21.16 16.73
N PHE D 46 5.66 -22.12 16.91
CA PHE D 46 5.67 -22.98 18.12
C PHE D 46 6.01 -22.16 19.37
N TYR D 47 7.06 -21.33 19.29
CA TYR D 47 7.47 -20.46 20.39
C TYR D 47 6.42 -19.39 20.68
N LEU D 48 5.78 -18.82 19.64
CA LEU D 48 4.72 -17.82 19.84
C LEU D 48 3.50 -18.42 20.50
N GLY D 49 3.20 -19.67 20.20
CA GLY D 49 2.10 -20.40 20.83
C GLY D 49 2.37 -20.51 22.33
N GLN D 50 3.61 -20.86 22.69
CA GLN D 50 4.09 -20.95 24.07
C GLN D 50 4.00 -19.60 24.77
N TYR D 51 4.44 -18.52 24.10
CA TYR D 51 4.37 -17.16 24.65
C TYR D 51 2.92 -16.79 24.96
N ILE D 52 2.00 -17.05 24.03
CA ILE D 52 0.58 -16.74 24.19
C ILE D 52 0.03 -17.44 25.44
N MET D 53 0.38 -18.72 25.66
CA MET D 53 -0.05 -19.50 26.83
C MET D 53 0.54 -18.94 28.10
N THR D 54 1.86 -18.71 28.16
CA THR D 54 2.57 -18.20 29.35
C THR D 54 2.02 -16.80 29.76
N LYS D 55 1.72 -15.92 28.78
CA LYS D 55 1.23 -14.59 29.10
C LYS D 55 -0.30 -14.61 29.27
N ARG D 56 -0.94 -15.80 29.06
CA ARG D 56 -2.38 -16.04 29.17
C ARG D 56 -3.18 -15.03 28.33
N LEU D 57 -2.88 -14.94 27.03
CA LEU D 57 -3.55 -14.00 26.14
C LEU D 57 -4.69 -14.69 25.36
N TYR D 58 -4.87 -16.00 25.56
CA TYR D 58 -5.89 -16.78 24.87
C TYR D 58 -6.91 -17.39 25.86
N ASP D 59 -8.09 -17.79 25.32
CA ASP D 59 -9.22 -18.44 26.00
C ASP D 59 -9.94 -19.39 25.03
N GLN D 63 -15.00 -18.30 20.95
CA GLN D 63 -14.55 -17.10 20.26
C GLN D 63 -13.29 -17.36 19.43
N HIS D 64 -12.28 -18.02 20.05
CA HIS D 64 -10.96 -18.34 19.48
C HIS D 64 -10.20 -17.04 19.12
N ILE D 65 -10.32 -16.02 19.98
CA ILE D 65 -9.68 -14.71 19.80
C ILE D 65 -8.56 -14.53 20.85
N VAL D 66 -7.40 -14.01 20.41
CA VAL D 66 -6.29 -13.62 21.27
C VAL D 66 -6.41 -12.11 21.50
N TYR D 67 -6.40 -11.63 22.77
CA TYR D 67 -6.43 -10.21 23.11
C TYR D 67 -5.02 -9.84 23.52
N CYS D 68 -4.36 -8.99 22.74
CA CYS D 68 -2.95 -8.66 22.95
C CYS D 68 -2.70 -7.15 23.07
N SER D 69 -3.77 -6.34 23.27
CA SER D 69 -3.69 -4.86 23.33
C SER D 69 -2.68 -4.30 24.36
N ASN D 70 -2.57 -4.89 25.55
CA ASN D 70 -1.66 -4.39 26.58
C ASN D 70 -0.40 -5.29 26.72
N ASP D 71 -0.04 -6.00 25.64
CA ASP D 71 1.12 -6.89 25.61
C ASP D 71 2.07 -6.46 24.51
N LEU D 72 3.37 -6.81 24.63
CA LEU D 72 4.39 -6.54 23.60
C LEU D 72 3.94 -7.17 22.25
N LEU D 73 3.21 -8.30 22.30
CA LEU D 73 2.72 -8.97 21.08
C LEU D 73 1.78 -8.05 20.29
N GLY D 74 0.96 -7.27 20.99
CA GLY D 74 0.06 -6.27 20.42
C GLY D 74 0.83 -5.20 19.69
N ASP D 75 1.94 -4.75 20.31
CA ASP D 75 2.84 -3.76 19.71
C ASP D 75 3.53 -4.32 18.47
N LEU D 76 3.95 -5.58 18.52
CA LEU D 76 4.63 -6.20 17.39
C LEU D 76 3.68 -6.48 16.24
N PHE D 77 2.47 -6.96 16.56
CA PHE D 77 1.50 -7.30 15.52
C PHE D 77 0.71 -6.07 15.05
N GLY D 78 0.70 -4.99 15.84
CA GLY D 78 -0.02 -3.76 15.48
C GLY D 78 -1.54 -3.90 15.56
N VAL D 79 -2.03 -4.86 16.37
CA VAL D 79 -3.47 -5.11 16.48
C VAL D 79 -3.90 -5.35 17.94
N PRO D 80 -5.15 -5.03 18.32
CA PRO D 80 -5.59 -5.36 19.67
C PRO D 80 -6.07 -6.82 19.79
N SER D 81 -6.49 -7.47 18.66
CA SER D 81 -7.02 -8.85 18.69
C SER D 81 -6.95 -9.54 17.35
N PHE D 82 -6.92 -10.87 17.38
CA PHE D 82 -6.91 -11.67 16.16
C PHE D 82 -7.44 -13.05 16.48
N SER D 83 -7.95 -13.76 15.44
CA SER D 83 -8.39 -15.14 15.59
C SER D 83 -7.19 -16.09 15.45
N VAL D 84 -7.11 -17.12 16.31
CA VAL D 84 -6.06 -18.15 16.28
C VAL D 84 -6.29 -19.12 15.12
N LYS D 85 -7.46 -19.04 14.46
CA LYS D 85 -7.86 -19.94 13.36
C LYS D 85 -7.59 -19.34 11.97
N GLU D 86 -7.17 -18.07 11.92
CA GLU D 86 -6.90 -17.40 10.64
C GLU D 86 -5.41 -17.27 10.45
N HIS D 87 -4.84 -18.37 9.96
CA HIS D 87 -3.41 -18.57 9.89
C HIS D 87 -2.68 -17.68 8.89
N ARG D 88 -3.27 -17.36 7.72
CA ARG D 88 -2.61 -16.45 6.75
C ARG D 88 -2.42 -15.06 7.39
N LYS D 89 -3.44 -14.59 8.10
CA LYS D 89 -3.37 -13.28 8.76
C LYS D 89 -2.28 -13.28 9.83
N ILE D 90 -2.12 -14.38 10.55
CA ILE D 90 -1.07 -14.47 11.57
C ILE D 90 0.31 -14.48 10.88
N TYR D 91 0.45 -15.24 9.79
CA TYR D 91 1.71 -15.26 9.02
C TYR D 91 2.06 -13.85 8.53
N THR D 92 1.07 -13.10 8.02
CA THR D 92 1.26 -11.70 7.54
C THR D 92 1.83 -10.81 8.67
N MET D 93 1.27 -10.92 9.87
CA MET D 93 1.72 -10.10 11.01
C MET D 93 3.13 -10.51 11.47
N ILE D 94 3.45 -11.81 11.41
CA ILE D 94 4.77 -12.30 11.83
C ILE D 94 5.83 -11.86 10.82
N TYR D 95 5.55 -11.95 9.51
CA TYR D 95 6.46 -11.54 8.44
C TYR D 95 6.96 -10.10 8.60
N ARG D 96 6.13 -9.20 9.14
CA ARG D 96 6.51 -7.79 9.40
C ARG D 96 7.54 -7.67 10.56
N ASN D 97 7.77 -8.75 11.33
CA ASN D 97 8.72 -8.67 12.45
C ASN D 97 9.95 -9.53 12.23
N LEU D 98 10.32 -9.75 10.97
CA LEU D 98 11.47 -10.56 10.63
C LEU D 98 11.99 -10.22 9.26
N VAL D 99 13.12 -10.81 8.92
CA VAL D 99 13.76 -10.70 7.61
C VAL D 99 13.96 -12.12 7.12
N VAL D 100 13.49 -12.41 5.92
CA VAL D 100 13.65 -13.74 5.31
C VAL D 100 15.12 -13.93 4.93
N VAL D 101 15.68 -15.13 5.22
CA VAL D 101 17.07 -15.52 4.94
C VAL D 101 17.22 -16.00 3.48
N THR E 1 -6.94 29.18 -29.50
CA THR E 1 -8.00 29.94 -28.82
C THR E 1 -8.23 29.30 -27.41
N ASP E 2 -9.25 28.43 -27.25
CA ASP E 2 -9.56 27.73 -26.00
C ASP E 2 -10.39 26.48 -26.28
N GLY E 3 -9.90 25.32 -25.89
CA GLY E 3 -10.61 24.07 -26.09
C GLY E 3 -10.98 23.37 -24.80
N ALA E 4 -11.95 22.43 -24.87
CA ALA E 4 -12.42 21.64 -23.72
C ALA E 4 -12.97 20.28 -24.19
N VAL E 5 -12.72 19.20 -23.43
CA VAL E 5 -13.25 17.87 -23.77
C VAL E 5 -13.94 17.31 -22.51
N THR E 6 -15.13 16.75 -22.67
CA THR E 6 -15.91 16.17 -21.56
C THR E 6 -16.16 14.68 -21.82
N THR E 7 -16.52 13.96 -20.76
CA THR E 7 -16.80 12.52 -20.81
C THR E 7 -18.06 12.20 -20.02
N SER E 8 -18.74 11.10 -20.39
CA SER E 8 -19.93 10.61 -19.69
C SER E 8 -19.53 9.71 -18.48
N GLN E 9 -18.24 9.39 -18.34
CA GLN E 9 -17.74 8.55 -17.24
C GLN E 9 -17.62 9.30 -15.93
N ILE E 10 -17.55 10.63 -15.99
CA ILE E 10 -17.32 11.46 -14.81
C ILE E 10 -18.49 12.42 -14.62
N PRO E 11 -18.92 12.73 -13.36
CA PRO E 11 -20.02 13.71 -13.19
C PRO E 11 -19.62 15.07 -13.75
N ALA E 12 -20.58 15.77 -14.36
CA ALA E 12 -20.40 17.09 -14.99
C ALA E 12 -19.76 18.15 -14.07
N SER E 13 -20.05 18.11 -12.76
CA SER E 13 -19.52 19.09 -11.79
C SER E 13 -18.00 18.98 -11.62
N GLU E 14 -17.46 17.76 -11.65
CA GLU E 14 -16.03 17.51 -11.49
C GLU E 14 -15.23 18.05 -12.67
N GLN E 15 -15.82 17.96 -13.87
CA GLN E 15 -15.20 18.39 -15.12
C GLN E 15 -15.18 19.90 -15.25
N GLU E 16 -16.00 20.58 -14.45
CA GLU E 16 -16.14 22.05 -14.43
C GLU E 16 -15.23 22.70 -13.36
N THR E 17 -14.64 21.88 -12.46
CA THR E 17 -13.77 22.33 -11.36
C THR E 17 -12.63 23.23 -11.87
N LEU E 18 -12.47 24.38 -11.21
CA LEU E 18 -11.42 25.34 -11.49
C LEU E 18 -10.15 24.89 -10.80
N VAL E 19 -9.05 24.81 -11.57
CA VAL E 19 -7.79 24.29 -11.07
C VAL E 19 -6.62 25.19 -11.46
N ARG E 20 -5.55 25.13 -10.68
CA ARG E 20 -4.30 25.84 -10.89
C ARG E 20 -3.19 24.77 -11.05
N PRO E 21 -2.85 24.37 -12.30
CA PRO E 21 -1.79 23.37 -12.48
C PRO E 21 -0.47 23.74 -11.80
N LYS E 22 0.21 22.69 -11.28
CA LYS E 22 1.53 22.81 -10.67
C LYS E 22 2.55 23.01 -11.83
N PRO E 23 3.82 23.41 -11.57
CA PRO E 23 4.74 23.77 -12.68
C PRO E 23 4.90 22.79 -13.86
N LEU E 24 5.07 21.49 -13.61
CA LEU E 24 5.29 20.55 -14.70
C LEU E 24 4.03 20.46 -15.59
N LEU E 25 2.85 20.27 -14.97
CA LEU E 25 1.61 20.21 -15.74
C LEU E 25 1.42 21.52 -16.54
N LEU E 26 1.63 22.69 -15.88
CA LEU E 26 1.51 24.02 -16.50
C LEU E 26 2.42 24.12 -17.74
N LYS E 27 3.68 23.65 -17.63
CA LYS E 27 4.66 23.64 -18.72
C LYS E 27 4.12 22.84 -19.93
N LEU E 28 3.54 21.65 -19.68
CA LEU E 28 3.00 20.77 -20.73
C LEU E 28 1.86 21.46 -21.48
N LEU E 29 0.92 22.10 -20.76
CA LEU E 29 -0.22 22.80 -21.38
C LEU E 29 0.23 24.01 -22.21
N LYS E 30 1.18 24.80 -21.70
CA LYS E 30 1.68 26.00 -22.41
C LYS E 30 2.47 25.60 -23.66
N SER E 31 3.09 24.40 -23.67
CA SER E 31 3.84 23.90 -24.83
C SER E 31 2.92 23.61 -26.04
N VAL E 32 1.58 23.47 -25.81
CA VAL E 32 0.60 23.24 -26.88
C VAL E 32 -0.34 24.48 -27.04
N GLY E 33 0.09 25.62 -26.53
CA GLY E 33 -0.61 26.89 -26.75
C GLY E 33 -1.55 27.42 -25.68
N ALA E 34 -1.63 26.75 -24.50
CA ALA E 34 -2.47 27.26 -23.42
C ALA E 34 -1.79 28.53 -22.86
N GLN E 35 -2.56 29.60 -22.64
CA GLN E 35 -1.97 30.89 -22.23
C GLN E 35 -2.53 31.41 -20.89
N LYS E 36 -2.90 30.51 -19.98
CA LYS E 36 -3.44 30.93 -18.69
C LYS E 36 -2.86 30.08 -17.55
N ASP E 37 -3.13 30.50 -16.30
CA ASP E 37 -2.65 29.83 -15.10
C ASP E 37 -3.76 29.03 -14.42
N THR E 38 -5.02 29.39 -14.70
CA THR E 38 -6.20 28.74 -14.14
C THR E 38 -7.03 28.16 -15.28
N TYR E 39 -7.53 26.94 -15.08
CA TYR E 39 -8.29 26.16 -16.06
C TYR E 39 -9.42 25.40 -15.42
N THR E 40 -10.40 24.99 -16.22
CA THR E 40 -11.40 24.02 -15.73
C THR E 40 -10.75 22.65 -16.04
N MET E 41 -11.15 21.58 -15.34
CA MET E 41 -10.60 20.26 -15.62
C MET E 41 -10.80 19.85 -17.08
N LYS E 42 -11.98 20.15 -17.67
CA LYS E 42 -12.25 19.80 -19.08
C LYS E 42 -11.27 20.51 -20.06
N GLU E 43 -10.78 21.72 -19.72
CA GLU E 43 -9.78 22.40 -20.57
C GLU E 43 -8.42 21.72 -20.45
N VAL E 44 -8.03 21.33 -19.23
CA VAL E 44 -6.77 20.60 -18.99
C VAL E 44 -6.73 19.33 -19.86
N LEU E 45 -7.84 18.55 -19.86
CA LEU E 45 -7.96 17.31 -20.65
C LEU E 45 -7.83 17.61 -22.13
N PHE E 46 -8.34 18.79 -22.59
CA PHE E 46 -8.20 19.16 -24.01
C PHE E 46 -6.72 19.36 -24.34
N TYR E 47 -6.02 20.19 -23.53
CA TYR E 47 -4.60 20.51 -23.80
C TYR E 47 -3.72 19.27 -23.63
N LEU E 48 -4.02 18.40 -22.64
CA LEU E 48 -3.26 17.16 -22.49
C LEU E 48 -3.47 16.22 -23.70
N GLY E 49 -4.68 16.22 -24.28
CA GLY E 49 -5.00 15.44 -25.48
C GLY E 49 -4.15 15.92 -26.65
N GLN E 50 -4.10 17.25 -26.86
CA GLN E 50 -3.25 17.87 -27.90
C GLN E 50 -1.78 17.54 -27.65
N TYR E 51 -1.34 17.56 -26.37
CA TYR E 51 0.04 17.23 -25.98
C TYR E 51 0.37 15.78 -26.36
N ILE E 52 -0.50 14.81 -25.99
CA ILE E 52 -0.33 13.39 -26.31
C ILE E 52 -0.14 13.21 -27.84
N MET E 53 -1.01 13.87 -28.66
CA MET E 53 -0.93 13.78 -30.12
CA MET E 53 -0.96 13.82 -30.13
C MET E 53 0.37 14.38 -30.66
N THR E 54 0.79 15.58 -30.18
CA THR E 54 2.04 16.27 -30.58
C THR E 54 3.27 15.38 -30.29
N LYS E 55 3.33 14.72 -29.12
CA LYS E 55 4.48 13.88 -28.81
C LYS E 55 4.31 12.46 -29.36
N ARG E 56 3.19 12.19 -30.09
CA ARG E 56 2.82 10.88 -30.70
C ARG E 56 2.93 9.71 -29.68
N LEU E 57 2.34 9.89 -28.48
CA LEU E 57 2.40 8.89 -27.41
C LEU E 57 1.23 7.91 -27.47
N TYR E 58 0.24 8.18 -28.32
CA TYR E 58 -0.96 7.36 -28.38
C TYR E 58 -0.93 6.32 -29.51
N ASP E 59 -1.20 5.06 -29.13
CA ASP E 59 -1.30 3.91 -30.02
C ASP E 59 -2.72 3.33 -29.92
N GLU E 60 -3.59 3.69 -30.89
CA GLU E 60 -4.98 3.22 -30.94
C GLU E 60 -5.01 1.70 -31.10
N LYS E 61 -4.17 1.19 -32.03
CA LYS E 61 -4.01 -0.22 -32.39
C LYS E 61 -3.70 -1.12 -31.21
N GLN E 62 -2.93 -0.62 -30.21
CA GLN E 62 -2.59 -1.46 -29.07
C GLN E 62 -3.50 -1.24 -27.86
N GLN E 63 -4.81 -1.54 -28.06
CA GLN E 63 -5.88 -1.50 -27.06
C GLN E 63 -6.02 -0.09 -26.41
N HIS E 64 -5.94 0.96 -27.26
CA HIS E 64 -6.11 2.38 -26.89
C HIS E 64 -5.25 2.75 -25.65
N ILE E 65 -3.94 2.66 -25.82
CA ILE E 65 -2.99 2.91 -24.74
C ILE E 65 -2.06 4.09 -25.08
N VAL E 66 -1.60 4.79 -24.03
CA VAL E 66 -0.60 5.85 -24.12
C VAL E 66 0.68 5.27 -23.50
N TYR E 67 1.80 5.33 -24.23
CA TYR E 67 3.12 4.94 -23.72
C TYR E 67 3.86 6.23 -23.43
N CYS E 68 4.16 6.47 -22.14
CA CYS E 68 4.74 7.74 -21.71
C CYS E 68 6.01 7.60 -20.84
N SER E 69 6.66 6.40 -20.80
CA SER E 69 7.83 6.18 -19.94
C SER E 69 9.05 7.03 -20.31
N ASN E 70 9.19 7.44 -21.58
CA ASN E 70 10.35 8.28 -21.93
C ASN E 70 9.90 9.73 -22.21
N ASP E 71 8.78 10.14 -21.59
CA ASP E 71 8.20 11.46 -21.77
C ASP E 71 7.94 12.12 -20.44
N LEU E 72 7.90 13.48 -20.44
CA LEU E 72 7.55 14.28 -19.26
C LEU E 72 6.17 13.88 -18.70
N LEU E 73 5.28 13.36 -19.58
CA LEU E 73 3.94 12.93 -19.15
C LEU E 73 4.05 11.76 -18.15
N GLY E 74 5.00 10.85 -18.40
CA GLY E 74 5.28 9.71 -17.54
C GLY E 74 5.77 10.17 -16.18
N ASP E 75 6.64 11.20 -16.15
CA ASP E 75 7.13 11.79 -14.90
C ASP E 75 5.97 12.47 -14.14
N LEU E 76 5.11 13.18 -14.88
CA LEU E 76 3.96 13.85 -14.29
C LEU E 76 2.99 12.84 -13.62
N PHE E 77 2.64 11.75 -14.34
CA PHE E 77 1.66 10.77 -13.85
C PHE E 77 2.28 9.68 -12.98
N GLY E 78 3.59 9.49 -13.05
CA GLY E 78 4.27 8.47 -12.27
C GLY E 78 3.95 7.07 -12.75
N VAL E 79 3.60 6.94 -14.06
CA VAL E 79 3.27 5.64 -14.69
C VAL E 79 3.97 5.54 -16.05
N PRO E 80 4.38 4.32 -16.50
CA PRO E 80 5.02 4.19 -17.83
C PRO E 80 3.97 4.11 -18.96
N SER E 81 2.70 3.84 -18.61
CA SER E 81 1.61 3.72 -19.60
C SER E 81 0.24 3.81 -18.91
N PHE E 82 -0.81 4.10 -19.69
CA PHE E 82 -2.19 4.11 -19.17
C PHE E 82 -3.20 3.92 -20.33
N SER E 83 -4.37 3.35 -20.02
CA SER E 83 -5.47 3.20 -20.97
C SER E 83 -6.22 4.52 -21.08
N VAL E 84 -6.44 5.02 -22.32
CA VAL E 84 -7.14 6.31 -22.52
C VAL E 84 -8.61 6.21 -22.11
N LYS E 85 -9.13 4.99 -21.91
CA LYS E 85 -10.52 4.74 -21.55
C LYS E 85 -10.76 4.77 -20.03
N GLU E 86 -9.69 4.86 -19.20
CA GLU E 86 -9.81 4.84 -17.73
C GLU E 86 -9.88 6.27 -17.23
N HIS E 87 -11.03 6.91 -17.47
CA HIS E 87 -11.20 8.33 -17.23
C HIS E 87 -11.11 8.75 -15.75
N ARG E 88 -11.56 7.90 -14.82
CA ARG E 88 -11.48 8.17 -13.38
C ARG E 88 -10.01 8.19 -12.94
N LYS E 89 -9.20 7.19 -13.37
CA LYS E 89 -7.77 7.17 -13.06
C LYS E 89 -7.06 8.39 -13.68
N ILE E 90 -7.38 8.73 -14.93
CA ILE E 90 -6.75 9.87 -15.61
C ILE E 90 -7.02 11.16 -14.80
N TYR E 91 -8.27 11.38 -14.36
CA TYR E 91 -8.65 12.53 -13.54
C TYR E 91 -7.83 12.55 -12.27
N THR E 92 -7.68 11.38 -11.60
CA THR E 92 -6.91 11.30 -10.35
C THR E 92 -5.45 11.66 -10.60
N MET E 93 -4.85 11.15 -11.70
CA MET E 93 -3.44 11.39 -12.02
C MET E 93 -3.20 12.88 -12.28
N ILE E 94 -4.18 13.55 -12.88
CA ILE E 94 -4.10 14.99 -13.15
C ILE E 94 -4.28 15.77 -11.84
N TYR E 95 -5.28 15.38 -11.02
CA TYR E 95 -5.57 16.04 -9.72
C TYR E 95 -4.35 16.12 -8.79
N ARG E 96 -3.43 15.13 -8.87
CA ARG E 96 -2.19 15.11 -8.06
C ARG E 96 -1.22 16.26 -8.44
N ASN E 97 -1.34 16.81 -9.66
CA ASN E 97 -0.43 17.81 -10.20
C ASN E 97 -1.08 19.20 -10.32
N LEU E 98 -1.96 19.51 -9.37
CA LEU E 98 -2.64 20.81 -9.38
C LEU E 98 -3.18 21.14 -8.00
N VAL E 99 -3.76 22.34 -7.89
CA VAL E 99 -4.41 22.86 -6.70
C VAL E 99 -5.82 23.28 -7.15
N VAL E 100 -6.86 22.79 -6.46
CA VAL E 100 -8.25 23.16 -6.70
C VAL E 100 -8.44 24.59 -6.13
N VAL E 101 -8.89 25.54 -6.96
CA VAL E 101 -9.05 26.95 -6.56
C VAL E 101 -10.53 27.31 -6.35
O3 7HC F . 14.20 14.31 2.81
C9 7HC F . 12.70 14.90 -3.86
C8 7HC F . 12.22 14.65 -1.43
O1 7HC F . 11.00 14.68 -1.56
C12 7HC F . 12.98 16.15 -6.53
C13 7HC F . 13.52 14.76 -6.25
C11 7HC F . 11.81 16.47 -5.63
C10 7HC F . 12.17 16.30 -4.14
N1 7HC F . 14.29 14.33 -0.07
C14 7HC F . 13.88 14.59 -4.76
C15 7HC F . 12.26 13.19 0.70
O2 7HC F . 12.55 16.22 -7.89
C7 7HC F . 12.84 14.50 -0.05
C5 7HC F . 16.08 12.66 0.55
C4 7HC F . 16.78 10.87 -1.08
C2 7HC F . 17.08 12.27 -0.55
C1 7HC F . 18.49 12.28 0.05
C25 7HC F . 13.78 9.63 3.56
C26 7HC F . 13.45 8.54 2.79
C24 7HC F . 13.81 10.90 2.97
N2 7HC F . 13.07 14.76 -2.45
C23 7HC F . 13.97 13.13 2.61
C22 7HC F . 13.57 12.50 1.24
C21 7HC F . 10.24 12.24 1.85
C19 7HC F . 9.08 13.39 3.62
C20 7HC F . 9.24 12.29 2.79
C18 7HC F . 9.94 14.47 3.47
C16 7HC F . 11.12 13.33 1.69
C28 7HC F . 13.21 9.91 0.85
C29 7HC F . 13.50 11.04 1.61
N3 7HC F . 14.07 12.13 3.53
C17 7HC F . 10.95 14.44 2.50
C27 7HC F . 13.16 8.66 1.44
C3 7HC F . 17.03 13.27 -1.71
C6 7HC F . 14.60 12.89 0.16
CL2 7HC F . 13.37 6.98 3.55
F 7HC F . 10.31 11.14 1.09
CL1 7HC F . 8.17 10.93 2.95
S SO4 G . 14.14 10.10 24.60
O1 SO4 G . 15.30 9.20 24.73
O2 SO4 G . 14.45 11.38 25.25
O3 SO4 G . 13.86 10.36 23.21
O4 SO4 G . 12.96 9.50 25.23
C1 GOL H . 0.68 4.29 11.95
O1 GOL H . 0.02 4.61 13.17
C2 GOL H . 0.17 2.89 11.70
O2 GOL H . 1.12 1.84 11.94
C3 GOL H . -0.70 2.79 10.44
O3 GOL H . -1.24 1.46 10.40
C1 GOL I . 0.36 -3.78 4.93
O1 GOL I . 1.52 -4.26 5.58
C2 GOL I . -0.06 -4.85 3.99
O2 GOL I . 1.15 -5.43 3.47
C3 GOL I . -1.02 -4.31 2.88
O3 GOL I . -2.25 -3.83 3.48
C1 GOL J . 9.53 -6.81 6.23
O1 GOL J . 9.75 -7.85 7.19
C2 GOL J . 9.97 -5.48 6.85
O2 GOL J . 11.15 -5.63 7.64
C3 GOL J . 8.86 -4.84 7.69
O3 GOL J . 7.86 -4.58 6.74
O3 7HC K . -17.82 7.57 12.98
C9 7HC K . -16.31 5.84 19.51
C8 7HC K . -16.05 6.93 17.31
O1 7HC K . -15.04 7.55 17.67
C12 7HC K . -16.92 5.45 22.37
C13 7HC K . -16.48 4.30 21.49
C11 7HC K . -16.37 6.77 21.85
C10 7HC K . -16.74 7.00 20.39
N1 7HC K . -17.68 6.15 15.60
C14 7HC K . -16.87 4.53 20.02
C15 7HC K . -15.47 6.83 14.84
O2 7HC K . -16.47 5.24 23.71
C7 7HC K . -16.62 7.11 15.92
C5 7HC K . -18.24 4.27 13.97
C4 7HC K . -17.55 1.97 14.77
C2 7HC K . -18.70 2.96 14.65
C1 7HC K . -19.79 2.33 13.79
C25 7HC K . -14.97 4.67 10.51
C26 7HC K . -13.97 3.78 10.83
C24 7HC K . -15.63 5.33 11.55
N2 7HC K . -16.69 6.07 18.12
C23 7HC K . -17.00 6.72 12.73
C22 7HC K . -16.17 5.90 13.80
C21 7HC K . -13.38 7.86 13.85
C19 7HC K . -13.32 10.10 12.99
C20 7HC K . -12.70 8.89 13.23
C18 7HC K . -14.63 10.30 13.42
C16 7HC K . -14.72 8.03 14.28
C28 7HC K . -14.30 4.12 13.17
C29 7HC K . -15.29 5.07 12.87
N3 7HC K . -16.62 6.31 11.50
C17 7HC K . -15.32 9.27 14.07
C27 7HC K . -13.64 3.48 12.14
C3 7HC K . -19.25 3.24 16.04
C6 7HC K . -17.13 5.09 14.70
CL2 7HC K . -13.06 3.05 9.54
F 7HC K . -12.71 6.72 13.99
CL1 7HC K . -11.05 8.66 12.76
C1 GOL L . -19.26 17.25 11.56
O1 GOL L . -19.74 16.11 10.84
C2 GOL L . -19.17 18.64 10.83
O2 GOL L . -19.17 18.51 9.40
C3 GOL L . -17.94 19.47 11.22
O3 GOL L . -17.53 19.37 12.62
C1 GOL M . -21.88 7.91 13.24
O1 GOL M . -21.48 7.46 14.53
C2 GOL M . -21.58 6.87 12.19
O2 GOL M . -20.64 7.39 11.20
C3 GOL M . -22.88 6.54 11.49
O3 GOL M . -22.95 5.14 11.23
O3 7HC N . 5.67 -15.22 -15.53
C9 7HC N . 12.44 -13.79 -14.67
C8 7HC N . 10.25 -14.79 -14.11
O1 7HC N . 10.68 -15.38 -13.12
C12 7HC N . 15.18 -13.51 -15.78
C13 7HC N . 14.41 -12.31 -15.29
C11 7HC N . 14.76 -14.77 -15.03
C10 7HC N . 13.25 -15.00 -15.13
N1 7HC N . 8.35 -13.99 -15.54
C14 7HC N . 12.90 -12.52 -15.39
C15 7HC N . 7.77 -14.73 -13.29
O2 7HC N . 16.59 -13.29 -15.59
C7 7HC N . 8.79 -14.95 -14.52
C5 7HC N . 6.80 -12.06 -15.90
C4 7HC N . 7.50 -9.73 -15.19
C2 7HC N . 7.43 -10.72 -16.35
C1 7HC N . 6.55 -10.12 -17.45
C25 7HC N . 3.60 -12.61 -12.14
C26 7HC N . 4.03 -11.74 -11.17
C24 7HC N . 4.53 -13.22 -12.98
N2 7HC N . 11.01 -14.00 -14.87
C23 7HC N . 5.53 -14.46 -14.59
C22 7HC N . 6.69 -13.73 -13.84
C21 7HC N . 7.00 -15.79 -11.15
C19 7HC N . 6.10 -18.02 -11.03
C20 7HC N . 6.43 -16.81 -10.43
C18 7HC N . 6.35 -18.19 -12.39
C16 7HC N . 7.25 -15.93 -12.53
C28 7HC N . 6.30 -12.05 -11.84
C29 7HC N . 5.89 -12.94 -12.82
N3 7HC N . 4.35 -14.10 -14.04
C17 7HC N . 6.94 -17.16 -13.14
C27 7HC N . 5.37 -11.45 -11.00
C3 7HC N . 8.83 -10.94 -16.90
C6 7HC N . 7.55 -12.92 -14.86
CL2 7HC N . 2.87 -10.97 -10.14
F 7HC N . 7.30 -14.67 -10.47
CL1 7HC N . 6.10 -16.55 -8.75
S SO4 O . -15.72 -20.88 -12.49
O1 SO4 O . -15.72 -20.87 -11.03
O2 SO4 O . -14.36 -21.17 -12.96
O3 SO4 O . -16.18 -19.58 -13.01
O4 SO4 O . -16.61 -21.93 -12.98
C1 GOL P . 6.93 -11.25 3.14
O1 GOL P . 7.69 -10.30 3.92
C2 GOL P . 7.58 -12.62 3.03
O2 GOL P . 8.71 -12.56 2.15
C3 GOL P . 6.50 -13.56 2.48
O3 GOL P . 6.90 -14.85 1.90
C1 GOL Q . 8.32 3.43 -6.14
O1 GOL Q . 7.61 4.18 -5.12
C2 GOL Q . 7.62 3.45 -7.47
O2 GOL Q . 7.12 2.13 -7.69
C3 GOL Q . 8.45 3.94 -8.65
O3 GOL Q . 7.61 3.75 -9.80
O3 7HC R . 0.34 -23.27 17.50
C9 7HC R . -6.42 -24.10 17.49
C8 7HC R . -4.25 -23.46 16.30
O1 7HC R . -4.63 -23.51 15.13
C12 7HC R . -9.29 -24.54 16.99
C13 7HC R . -8.25 -25.55 16.55
C11 7HC R . -8.80 -23.73 18.18
C10 7HC R . -7.45 -23.07 17.90
N1 7HC R . -2.54 -23.27 18.07
C14 7HC R . -6.88 -24.90 16.29
C15 7HC R . -2.09 -22.01 16.03
O2 7HC R . -10.52 -25.19 17.31
C7 7HC R . -2.77 -23.34 16.62
C5 7HC R . -1.60 -21.75 19.88
C4 7HC R . -3.29 -20.15 20.87
C2 7HC R . -2.54 -21.45 21.06
C1 7HC R . -1.70 -21.33 22.32
C25 7HC R . 1.05 -18.56 17.33
C26 7HC R . 0.23 -17.46 17.18
C24 7HC R . 0.46 -19.83 17.34
N2 7HC R . -5.08 -23.52 17.36
C23 7HC R . 0.12 -22.07 17.40
C22 7HC R . -1.29 -21.43 17.25
C21 7HC R . -1.27 -20.97 13.92
C19 7HC R . 0.31 -22.06 12.45
C20 7HC R . -0.45 -20.95 12.80
C18 7HC R . 0.22 -23.22 13.22
C16 7HC R . -1.34 -22.13 14.72
C28 7HC R . -1.72 -18.83 17.10
C29 7HC R . -0.92 -19.96 17.22
N3 7HC R . 1.05 -21.09 17.43
C17 7HC R . -0.60 -23.25 14.35
C27 7HC R . -1.14 -17.57 17.07
C3 7HC R . -3.54 -22.59 21.25
C6 7HC R . -2.19 -21.88 18.43
CL2 7HC R . 0.97 -15.88 17.06
F 7HC R . -1.97 -19.86 14.18
CL1 7HC R . -0.37 -19.51 11.81
O3 7HC S . -9.58 13.96 -25.07
C9 7HC S . -11.30 7.44 -26.65
C8 7HC S . -11.05 9.43 -25.21
O1 7HC S . -11.67 8.94 -24.27
C12 7HC S . -12.20 5.44 -28.65
C13 7HC S . -10.86 5.30 -27.94
C11 7HC S . -13.19 6.17 -27.77
C10 7HC S . -12.66 7.54 -27.32
N1 7HC S . -9.55 11.20 -26.16
C14 7HC S . -10.31 6.68 -27.53
C15 7HC S . -9.84 11.19 -23.75
O2 7HC S . -12.71 4.14 -28.98
C7 7HC S . -10.55 10.88 -25.15
C5 7HC S . -7.15 11.94 -26.40
C4 7HC S . -5.43 10.09 -26.60
C2 7HC S . -6.25 11.14 -27.36
C1 7HC S . -5.28 12.11 -28.03
C25 7HC S . -6.01 13.51 -21.94
C26 7HC S . -5.37 12.45 -21.31
C24 7HC S . -7.04 13.23 -22.85
N2 7HC S . -10.77 8.76 -26.33
C23 7HC S . -8.74 13.45 -24.35
C22 7HC S . -8.51 11.90 -24.15
C21 7HC S . -10.39 11.51 -21.32
C19 7HC S . -11.97 13.15 -20.55
C20 7HC S . -11.02 12.18 -20.29
C18 7HC S . -12.28 13.47 -21.87
C16 7HC S . -10.67 11.84 -22.66
C28 7HC S . -6.71 10.87 -22.50
C29 7HC S . -7.39 11.92 -23.13
N3 7HC S . -7.85 14.10 -23.56
C17 7HC S . -11.63 12.81 -22.92
C27 7HC S . -5.71 11.14 -21.59
C3 7HC S . -7.08 10.45 -28.44
C6 7HC S . -8.20 11.23 -25.51
CL2 7HC S . -4.15 12.79 -20.13
F 7HC S . -9.48 10.57 -21.00
CL1 7HC S . -10.63 11.80 -18.64
S SO4 T . -5.26 33.22 -15.03
O1 SO4 T . -5.08 33.01 -13.58
O2 SO4 T . -3.95 33.35 -15.68
O3 SO4 T . -6.05 34.44 -15.25
O4 SO4 T . -5.99 32.09 -15.61
#